data_4C58
#
_entry.id   4C58
#
_cell.length_a   156.866
_cell.length_b   37.430
_cell.length_c   76.010
_cell.angle_alpha   90.00
_cell.angle_beta   108.48
_cell.angle_gamma   90.00
#
_symmetry.space_group_name_H-M   'C 1 2 1'
#
loop_
_entity.id
_entity.type
_entity.pdbx_description
1 polymer 'Cyclin-G-associated kinase'
2 polymer nanobody
3 non-polymer 1,2-ETHANEDIOL
4 non-polymer 9-HYDROXY-4-PHENYLPYRROLO[3,4-C]CARBAZOLE-1,3(2H,6H)-DIONE
5 water water
#
loop_
_entity_poly.entity_id
_entity_poly.type
_entity_poly.pdbx_seq_one_letter_code
_entity_poly.pdbx_strand_id
1 'polypeptide(L)'
;SMPGSLGGASGRDQSDFVGQTVELGELRLRVRRVLAEGGFAFVYEAQDVGSGREYALKRLLSNEEEKNRAIIQEVCFMKK
LSGHPNIVQFCSAASIGKEESDTGQAEFLLLTELCKGQLVEFLKKMESRGPLSCDTVLKIFYQTCRAVQHMHRQKPPIIH
RDLKVENLLLSNQGTIKLCDFGSATTISHYPDYSWSAQRRALVEEEITRNTTPMYRTPEIIDLYSNFPIGEKQDIWALGC
ILYLLCFRQHPFEDGAKLRIVNGKYSIPPHDTQYTVFHSLIRAMLQVNPEERLSIAEVVHQLQEIAAARNVNPKSPITEL
LEQNGGYGSATLSRGPPPPV
;
A
2 'polypeptide(L)'
;QVQLQESGGGSVQAGGSLRLSCGASEYTSRMGWFRQAPGAEREGVACIHRQSNLSYYSDSVRGRFTISQDNAKTTAFLLM
SSLKPEDTAIYYCATTTDCAAFVERATAITAGQGTQVTVSSAAAYPYDVPDYGSHHHHHH
;
B
#
# COMPACT_ATOMS: atom_id res chain seq x y z
N ASP A 16 -8.83 35.81 -8.04
CA ASP A 16 -8.63 36.79 -9.17
C ASP A 16 -7.29 36.55 -9.90
N PHE A 17 -6.82 35.29 -9.87
CA PHE A 17 -5.67 34.81 -10.65
C PHE A 17 -6.10 34.08 -11.93
N VAL A 18 -7.38 33.72 -12.01
CA VAL A 18 -7.91 33.08 -13.21
C VAL A 18 -8.08 34.13 -14.32
N GLY A 19 -7.75 33.75 -15.54
CA GLY A 19 -7.78 34.64 -16.69
C GLY A 19 -6.38 34.88 -17.20
N GLN A 20 -5.39 34.72 -16.32
CA GLN A 20 -4.00 35.05 -16.65
C GLN A 20 -3.35 33.93 -17.45
N THR A 21 -2.43 34.31 -18.33
CA THR A 21 -1.64 33.37 -19.10
C THR A 21 -0.25 33.44 -18.50
N VAL A 22 0.26 32.30 -18.02
CA VAL A 22 1.49 32.25 -17.23
C VAL A 22 2.60 31.51 -17.97
N GLU A 23 3.81 32.05 -17.88
CA GLU A 23 4.96 31.41 -18.51
C GLU A 23 5.59 30.41 -17.56
N LEU A 24 5.90 29.26 -18.09
CA LEU A 24 6.48 28.19 -17.31
C LEU A 24 7.34 27.38 -18.25
N GLY A 25 8.65 27.65 -18.21
CA GLY A 25 9.59 27.14 -19.20
C GLY A 25 9.14 27.63 -20.56
N GLU A 26 8.99 26.70 -21.48
CA GLU A 26 8.66 27.02 -22.85
C GLU A 26 7.13 26.93 -23.00
N LEU A 27 6.43 26.77 -21.87
CA LEU A 27 4.98 26.64 -21.89
C LEU A 27 4.31 27.96 -21.60
N ARG A 28 3.17 28.14 -22.24
CA ARG A 28 2.37 29.31 -22.06
C ARG A 28 0.95 28.85 -21.74
N LEU A 29 0.56 29.06 -20.48
CA LEU A 29 -0.61 28.40 -19.90
C LEU A 29 -1.69 29.39 -19.48
N ARG A 30 -2.91 29.17 -19.96
CA ARG A 30 -4.07 29.98 -19.55
C ARG A 30 -4.73 29.38 -18.31
N VAL A 31 -4.83 30.16 -17.25
CA VAL A 31 -5.38 29.73 -15.97
C VAL A 31 -6.91 29.75 -16.02
N ARG A 32 -7.50 28.58 -16.29
CA ARG A 32 -8.93 28.48 -16.59
C ARG A 32 -9.86 28.69 -15.37
N ARG A 33 -9.61 27.97 -14.28
CA ARG A 33 -10.43 28.09 -13.05
C ARG A 33 -9.79 27.44 -11.81
N VAL A 34 -10.40 27.66 -10.65
CA VAL A 34 -9.88 27.20 -9.37
C VAL A 34 -10.42 25.82 -9.04
N LEU A 35 -9.53 24.84 -8.87
CA LEU A 35 -9.95 23.49 -8.50
C LEU A 35 -10.01 23.33 -6.97
N ALA A 36 -8.97 23.81 -6.30
CA ALA A 36 -8.81 23.62 -4.87
C ALA A 36 -8.06 24.79 -4.24
N GLU A 37 -8.30 25.02 -2.94
CA GLU A 37 -7.59 26.07 -2.20
C GLU A 37 -7.12 25.58 -0.80
N GLY A 38 -7.46 26.32 0.25
CA GLY A 38 -6.94 26.06 1.60
C GLY A 38 -5.93 27.13 2.02
N GLY A 39 -4.90 26.73 2.77
CA GLY A 39 -4.00 27.69 3.45
C GLY A 39 -2.81 28.11 2.60
N PHE A 40 -1.87 27.18 2.44
CA PHE A 40 -0.67 27.45 1.66
C PHE A 40 -0.98 28.02 0.28
N ALA A 41 -1.95 27.42 -0.42
CA ALA A 41 -1.95 27.47 -1.88
C ALA A 41 -3.32 27.37 -2.56
N PHE A 42 -3.30 27.55 -3.87
CA PHE A 42 -4.41 27.24 -4.75
C PHE A 42 -3.94 26.28 -5.82
N VAL A 43 -4.87 25.45 -6.31
CA VAL A 43 -4.65 24.67 -7.50
C VAL A 43 -5.63 25.13 -8.57
N TYR A 44 -5.13 25.25 -9.80
CA TYR A 44 -5.95 25.68 -10.94
C TYR A 44 -5.94 24.69 -12.10
N GLU A 45 -7.04 24.70 -12.85
CA GLU A 45 -7.04 24.14 -14.19
C GLU A 45 -6.35 25.10 -15.10
N ALA A 46 -5.40 24.62 -15.90
CA ALA A 46 -4.66 25.48 -16.81
C ALA A 46 -4.55 24.80 -18.18
N GLN A 47 -4.49 25.60 -19.25
CA GLN A 47 -4.33 25.05 -20.60
C GLN A 47 -3.16 25.72 -21.32
N ASP A 48 -2.22 24.92 -21.84
CA ASP A 48 -1.21 25.47 -22.72
C ASP A 48 -1.89 26.07 -23.96
N VAL A 49 -1.80 27.39 -24.09
CA VAL A 49 -2.37 28.15 -25.23
C VAL A 49 -2.13 27.51 -26.59
N GLY A 50 -0.87 27.23 -26.91
CA GLY A 50 -0.48 26.71 -28.23
C GLY A 50 -0.85 25.26 -28.51
N SER A 51 -0.47 24.36 -27.58
CA SER A 51 -0.70 22.92 -27.78
C SER A 51 -2.08 22.42 -27.32
N GLY A 52 -2.77 23.22 -26.52
CA GLY A 52 -4.10 22.85 -26.07
C GLY A 52 -4.12 21.80 -24.97
N ARG A 53 -2.95 21.34 -24.52
CA ARG A 53 -2.84 20.32 -23.44
C ARG A 53 -3.20 20.94 -22.12
N GLU A 54 -3.86 20.14 -21.27
CA GLU A 54 -4.39 20.63 -19.99
C GLU A 54 -3.58 20.06 -18.85
N TYR A 55 -3.57 20.79 -17.74
CA TYR A 55 -2.71 20.48 -16.62
C TYR A 55 -3.42 20.95 -15.36
N ALA A 56 -2.94 20.45 -14.23
CA ALA A 56 -3.21 21.06 -12.93
C ALA A 56 -2.00 21.92 -12.65
N LEU A 57 -2.24 23.12 -12.14
CA LEU A 57 -1.20 24.08 -11.83
C LEU A 57 -1.42 24.51 -10.39
N LYS A 58 -0.48 24.15 -9.54
CA LYS A 58 -0.54 24.58 -8.16
C LYS A 58 0.38 25.79 -7.98
N ARG A 59 -0.17 26.83 -7.37
CA ARG A 59 0.57 28.05 -7.12
C ARG A 59 0.64 28.24 -5.62
N LEU A 60 1.86 28.30 -5.12
CA LEU A 60 2.16 28.35 -3.70
C LEU A 60 2.91 29.65 -3.43
N LEU A 61 2.33 30.50 -2.58
CA LEU A 61 2.92 31.79 -2.20
C LEU A 61 3.81 31.59 -0.96
N SER A 62 4.96 32.27 -0.90
CA SER A 62 5.81 32.21 0.31
C SER A 62 6.47 33.53 0.63
N ASN A 63 6.31 33.94 1.90
CA ASN A 63 7.04 35.05 2.49
C ASN A 63 8.16 34.58 3.42
N GLU A 64 8.25 33.26 3.66
CA GLU A 64 9.17 32.70 4.66
C GLU A 64 10.07 31.57 4.11
N GLU A 65 11.29 31.47 4.64
CA GLU A 65 12.18 30.34 4.27
C GLU A 65 11.65 29.00 4.75
N GLU A 66 10.89 28.99 5.84
CA GLU A 66 10.28 27.75 6.28
C GLU A 66 9.24 27.28 5.24
N LYS A 67 8.37 28.18 4.78
CA LYS A 67 7.47 27.88 3.69
C LYS A 67 8.23 27.41 2.44
N ASN A 68 9.30 28.11 2.08
CA ASN A 68 10.15 27.75 0.93
C ASN A 68 10.58 26.31 1.02
N ARG A 69 11.02 25.91 2.21
CA ARG A 69 11.55 24.55 2.43
C ARG A 69 10.44 23.46 2.26
N ALA A 70 9.30 23.69 2.92
CA ALA A 70 8.11 22.84 2.78
C ALA A 70 7.71 22.75 1.30
N ILE A 71 7.65 23.89 0.61
CA ILE A 71 7.26 23.90 -0.79
C ILE A 71 8.26 23.09 -1.66
N ILE A 72 9.55 23.32 -1.52
CA ILE A 72 10.52 22.60 -2.36
C ILE A 72 10.55 21.13 -2.02
N GLN A 73 10.23 20.81 -0.77
CA GLN A 73 10.22 19.42 -0.37
C GLN A 73 9.05 18.71 -1.05
N GLU A 74 7.89 19.36 -1.10
CA GLU A 74 6.73 18.82 -1.84
C GLU A 74 7.03 18.58 -3.30
N VAL A 75 7.73 19.50 -3.92
CA VAL A 75 8.12 19.38 -5.34
C VAL A 75 9.06 18.17 -5.50
N CYS A 76 10.09 18.09 -4.69
CA CYS A 76 11.01 16.94 -4.71
C CYS A 76 10.34 15.57 -4.58
N PHE A 77 9.40 15.49 -3.65
CA PHE A 77 8.60 14.28 -3.45
C PHE A 77 7.79 13.98 -4.70
N MET A 78 7.12 14.98 -5.27
CA MET A 78 6.39 14.80 -6.48
C MET A 78 7.29 14.32 -7.62
N LYS A 79 8.46 14.91 -7.77
CA LYS A 79 9.46 14.51 -8.77
C LYS A 79 9.88 13.05 -8.59
N LYS A 80 10.10 12.64 -7.35
CA LYS A 80 10.68 11.34 -7.11
C LYS A 80 9.65 10.23 -7.35
N LEU A 81 8.41 10.51 -6.97
CA LEU A 81 7.34 9.53 -7.05
C LEU A 81 6.69 9.46 -8.44
N SER A 82 6.91 10.47 -9.27
CA SER A 82 6.36 10.48 -10.64
C SER A 82 6.75 9.24 -11.44
N GLY A 83 5.92 8.82 -12.39
CA GLY A 83 6.13 7.64 -13.21
C GLY A 83 5.26 6.43 -12.84
N HIS A 84 4.66 6.46 -11.65
CA HIS A 84 3.84 5.40 -11.19
C HIS A 84 2.41 5.58 -11.62
N PRO A 85 1.74 4.46 -12.01
CA PRO A 85 0.40 4.70 -12.61
C PRO A 85 -0.63 5.31 -11.62
N ASN A 86 -0.41 5.19 -10.31
CA ASN A 86 -1.36 5.69 -9.34
C ASN A 86 -0.91 6.96 -8.55
N ILE A 87 0.13 7.64 -9.06
CA ILE A 87 0.57 8.96 -8.53
C ILE A 87 0.37 9.98 -9.68
N VAL A 88 -0.17 11.16 -9.42
CA VAL A 88 -0.23 12.17 -10.50
C VAL A 88 1.17 12.43 -11.08
N GLN A 89 1.21 12.60 -12.40
CA GLN A 89 2.45 12.79 -13.09
C GLN A 89 2.93 14.25 -12.94
N PHE A 90 4.17 14.41 -12.47
CA PHE A 90 4.85 15.70 -12.40
C PHE A 90 5.28 16.11 -13.80
N CYS A 91 4.99 17.34 -14.19
CA CYS A 91 5.28 17.81 -15.54
C CYS A 91 6.40 18.85 -15.51
N SER A 92 6.26 19.83 -14.63
CA SER A 92 7.29 20.84 -14.46
C SER A 92 7.08 21.59 -13.17
N ALA A 93 8.05 22.44 -12.85
CA ALA A 93 7.96 23.35 -11.70
C ALA A 93 8.80 24.64 -11.99
N ALA A 94 8.60 25.68 -11.20
CA ALA A 94 9.24 26.97 -11.44
C ALA A 94 8.84 27.95 -10.35
N SER A 95 9.57 29.06 -10.28
CA SER A 95 9.29 30.11 -9.31
C SER A 95 9.39 31.49 -9.92
N ILE A 96 8.93 32.48 -9.17
CA ILE A 96 9.15 33.88 -9.48
C ILE A 96 9.40 34.63 -8.15
N GLY A 97 10.48 35.41 -8.08
CA GLY A 97 10.86 36.12 -6.85
C GLY A 97 9.76 37.06 -6.40
N LYS A 98 9.76 37.42 -5.11
CA LYS A 98 8.74 38.33 -4.59
C LYS A 98 8.82 39.73 -5.17
N GLU A 99 10.01 40.10 -5.65
CA GLU A 99 10.23 41.41 -6.27
C GLU A 99 9.57 41.47 -7.65
N GLU A 100 9.27 40.28 -8.20
CA GLU A 100 8.77 40.14 -9.58
CA GLU A 100 8.76 40.15 -9.58
C GLU A 100 7.28 39.79 -9.66
N SER A 101 6.61 39.56 -8.53
CA SER A 101 5.18 39.19 -8.56
C SER A 101 4.24 40.29 -8.03
N ASP A 102 2.99 40.26 -8.48
CA ASP A 102 1.91 41.10 -7.95
C ASP A 102 1.18 40.40 -6.79
N THR A 103 1.95 39.67 -5.97
CA THR A 103 1.58 39.34 -4.59
C THR A 103 2.52 40.03 -3.58
N GLY A 104 3.75 40.38 -4.02
CA GLY A 104 4.80 40.85 -3.11
C GLY A 104 5.42 39.69 -2.34
N GLN A 105 5.43 38.52 -2.96
CA GLN A 105 5.80 37.27 -2.32
C GLN A 105 6.42 36.31 -3.34
N ALA A 106 7.26 35.38 -2.87
CA ALA A 106 7.84 34.36 -3.75
C ALA A 106 6.71 33.47 -4.19
N GLU A 107 6.69 33.07 -5.46
CA GLU A 107 5.64 32.19 -5.99
C GLU A 107 6.26 30.95 -6.54
N PHE A 108 5.71 29.79 -6.15
CA PHE A 108 6.14 28.54 -6.67
C PHE A 108 5.02 27.95 -7.53
N LEU A 109 5.38 27.43 -8.69
CA LEU A 109 4.42 26.92 -9.64
C LEU A 109 4.74 25.47 -9.87
N LEU A 110 3.74 24.60 -9.69
CA LEU A 110 3.92 23.19 -9.81
C LEU A 110 2.86 22.71 -10.77
N LEU A 111 3.30 22.02 -11.83
CA LEU A 111 2.49 21.67 -12.97
C LEU A 111 2.47 20.14 -13.03
N THR A 112 1.26 19.59 -13.05
CA THR A 112 1.03 18.16 -13.04
C THR A 112 -0.15 17.75 -13.92
N GLU A 113 -0.38 16.45 -13.92
CA GLU A 113 -1.47 15.81 -14.59
C GLU A 113 -2.79 16.34 -14.05
N LEU A 114 -3.65 16.78 -14.96
CA LEU A 114 -5.01 17.14 -14.63
C LEU A 114 -5.82 15.85 -14.56
N CYS A 115 -6.51 15.66 -13.45
CA CYS A 115 -7.34 14.51 -13.28
C CYS A 115 -8.81 14.88 -13.59
N LYS A 116 -9.66 13.87 -13.57
CA LYS A 116 -11.08 14.03 -13.87
C LYS A 116 -11.79 14.74 -12.70
N GLY A 117 -11.36 14.40 -11.51
CA GLY A 117 -11.92 15.07 -10.32
C GLY A 117 -11.50 14.36 -9.04
N GLN A 118 -12.05 14.81 -7.92
CA GLN A 118 -11.83 14.13 -6.66
C GLN A 118 -12.65 12.88 -6.65
N LEU A 119 -12.08 11.80 -6.13
CA LEU A 119 -12.79 10.55 -5.94
C LEU A 119 -14.10 10.71 -5.13
N VAL A 120 -14.12 11.56 -4.09
CA VAL A 120 -15.37 11.72 -3.31
C VAL A 120 -16.54 12.22 -4.14
N GLU A 121 -16.30 13.18 -5.03
CA GLU A 121 -17.37 13.61 -5.95
C GLU A 121 -18.05 12.44 -6.62
N PHE A 122 -17.25 11.49 -7.11
CA PHE A 122 -17.79 10.34 -7.82
C PHE A 122 -18.46 9.37 -6.85
N LEU A 123 -17.88 9.21 -5.66
CA LEU A 123 -18.49 8.39 -4.65
C LEU A 123 -19.84 8.96 -4.25
N LYS A 124 -19.94 10.29 -4.08
CA LYS A 124 -21.26 10.87 -3.78
C LYS A 124 -22.31 10.36 -4.75
N LYS A 125 -21.99 10.39 -6.04
CA LYS A 125 -22.96 10.12 -7.11
C LYS A 125 -23.33 8.63 -7.22
N MET A 126 -22.35 7.77 -7.00
CA MET A 126 -22.56 6.33 -6.86
C MET A 126 -23.44 5.96 -5.66
N GLU A 127 -23.26 6.70 -4.57
CA GLU A 127 -23.88 6.41 -3.28
C GLU A 127 -25.39 6.31 -3.29
N SER A 128 -26.04 7.23 -4.00
CA SER A 128 -27.49 7.21 -4.06
C SER A 128 -28.02 5.98 -4.80
N ARG A 129 -27.21 5.43 -5.70
CA ARG A 129 -27.51 4.15 -6.38
C ARG A 129 -27.13 2.91 -5.57
N GLY A 130 -26.81 3.10 -4.28
CA GLY A 130 -26.60 1.96 -3.38
C GLY A 130 -25.15 1.63 -3.15
N PRO A 131 -24.92 0.56 -2.39
CA PRO A 131 -23.57 0.16 -2.01
C PRO A 131 -22.67 -0.06 -3.20
N LEU A 132 -21.40 0.21 -3.00
CA LEU A 132 -20.36 -0.10 -3.96
C LEU A 132 -20.19 -1.61 -4.09
N SER A 133 -20.15 -2.08 -5.31
CA SER A 133 -19.69 -3.42 -5.60
C SER A 133 -18.37 -3.75 -4.88
N CYS A 134 -18.23 -5.00 -4.45
CA CYS A 134 -16.99 -5.42 -3.83
CA CYS A 134 -17.00 -5.44 -3.81
C CYS A 134 -15.84 -5.19 -4.77
N ASP A 135 -16.06 -5.52 -6.03
CA ASP A 135 -15.06 -5.27 -7.03
C ASP A 135 -14.64 -3.81 -7.17
N THR A 136 -15.55 -2.86 -6.97
CA THR A 136 -15.19 -1.47 -7.17
C THR A 136 -14.37 -1.07 -5.98
N VAL A 137 -14.81 -1.52 -4.80
CA VAL A 137 -14.06 -1.25 -3.58
C VAL A 137 -12.65 -1.82 -3.75
N LEU A 138 -12.56 -3.04 -4.23
CA LEU A 138 -11.21 -3.62 -4.46
C LEU A 138 -10.32 -2.80 -5.33
N LYS A 139 -10.86 -2.26 -6.43
CA LYS A 139 -10.04 -1.52 -7.39
C LYS A 139 -9.54 -0.19 -6.81
N ILE A 140 -10.43 0.49 -6.14
CA ILE A 140 -10.14 1.80 -5.53
C ILE A 140 -9.07 1.62 -4.47
N PHE A 141 -9.31 0.66 -3.57
CA PHE A 141 -8.36 0.41 -2.47
C PHE A 141 -6.98 -0.12 -2.95
N TYR A 142 -6.97 -1.11 -3.84
CA TYR A 142 -5.70 -1.61 -4.39
C TYR A 142 -4.86 -0.53 -4.99
N GLN A 143 -5.49 0.31 -5.81
CA GLN A 143 -4.82 1.35 -6.56
C GLN A 143 -4.25 2.41 -5.62
N THR A 144 -5.00 2.73 -4.59
CA THR A 144 -4.52 3.61 -3.58
C THR A 144 -3.36 2.99 -2.81
N CYS A 145 -3.48 1.71 -2.46
CA CYS A 145 -2.39 0.97 -1.77
C CYS A 145 -1.18 0.81 -2.63
N ARG A 146 -1.34 0.69 -3.94
CA ARG A 146 -0.17 0.64 -4.83
C ARG A 146 0.66 1.95 -4.83
N ALA A 147 -0.03 3.08 -4.70
CA ALA A 147 0.61 4.39 -4.71
C ALA A 147 1.41 4.58 -3.40
N VAL A 148 0.79 4.23 -2.30
CA VAL A 148 1.45 4.25 -1.01
C VAL A 148 2.58 3.20 -0.95
N GLN A 149 2.39 2.04 -1.53
CA GLN A 149 3.52 1.08 -1.60
C GLN A 149 4.72 1.64 -2.33
N HIS A 150 4.48 2.35 -3.40
CA HIS A 150 5.51 3.06 -4.11
C HIS A 150 6.31 4.04 -3.26
N MET A 151 5.65 4.73 -2.33
CA MET A 151 6.31 5.64 -1.41
C MET A 151 7.11 4.88 -0.37
N HIS A 152 6.54 3.80 0.15
CA HIS A 152 7.15 3.05 1.24
C HIS A 152 8.30 2.24 0.82
N ARG A 153 8.39 1.96 -0.48
CA ARG A 153 9.52 1.27 -1.11
C ARG A 153 10.70 2.18 -1.44
N GLN A 154 10.57 3.48 -1.28
CA GLN A 154 11.69 4.38 -1.61
C GLN A 154 12.76 4.18 -0.55
N LYS A 155 13.98 4.62 -0.85
CA LYS A 155 15.10 4.50 0.08
C LYS A 155 15.68 5.87 0.37
N PRO A 156 15.33 6.45 1.55
CA PRO A 156 14.43 5.95 2.58
C PRO A 156 12.96 6.00 2.20
N PRO A 157 12.12 5.28 2.95
CA PRO A 157 10.70 5.29 2.65
C PRO A 157 10.10 6.68 2.85
N ILE A 158 9.17 7.05 1.98
CA ILE A 158 8.45 8.35 2.11
C ILE A 158 7.14 8.06 2.78
N ILE A 159 6.88 8.79 3.85
CA ILE A 159 5.71 8.59 4.68
C ILE A 159 4.76 9.71 4.33
N HIS A 160 3.52 9.36 3.94
CA HIS A 160 2.60 10.36 3.39
C HIS A 160 2.07 11.24 4.48
N ARG A 161 1.58 10.58 5.53
CA ARG A 161 1.01 11.19 6.77
C ARG A 161 -0.32 11.94 6.69
N ASP A 162 -0.95 12.06 5.51
CA ASP A 162 -2.28 12.72 5.38
C ASP A 162 -3.18 11.93 4.38
N LEU A 163 -3.15 10.61 4.49
CA LEU A 163 -3.96 9.75 3.62
C LEU A 163 -5.41 9.90 4.04
N LYS A 164 -6.23 10.36 3.12
CA LYS A 164 -7.65 10.46 3.42
C LYS A 164 -8.34 10.45 2.13
N VAL A 165 -9.58 9.97 2.15
CA VAL A 165 -10.28 9.67 0.90
C VAL A 165 -10.51 10.91 0.05
N GLU A 166 -10.64 12.08 0.69
CA GLU A 166 -10.89 13.36 0.00
C GLU A 166 -9.73 13.81 -0.88
N ASN A 167 -8.54 13.32 -0.58
CA ASN A 167 -7.39 13.77 -1.28
C ASN A 167 -7.15 12.89 -2.50
N LEU A 168 -7.81 11.72 -2.57
CA LEU A 168 -7.65 10.80 -3.68
C LEU A 168 -8.30 11.38 -4.94
N LEU A 169 -7.62 11.26 -6.08
CA LEU A 169 -8.21 11.71 -7.36
C LEU A 169 -8.54 10.54 -8.28
N LEU A 170 -9.41 10.81 -9.24
CA LEU A 170 -9.71 9.88 -10.29
C LEU A 170 -9.13 10.42 -11.61
N SER A 171 -8.28 9.62 -12.24
CA SER A 171 -7.62 10.02 -13.48
C SER A 171 -8.56 9.96 -14.68
N ASN A 172 -8.11 10.54 -15.77
CA ASN A 172 -8.86 10.53 -17.02
C ASN A 172 -9.20 9.11 -17.49
N GLN A 173 -8.38 8.13 -17.09
CA GLN A 173 -8.57 6.73 -17.47
C GLN A 173 -9.39 5.96 -16.46
N GLY A 174 -9.82 6.60 -15.38
CA GLY A 174 -10.64 5.91 -14.39
C GLY A 174 -9.88 5.14 -13.31
N THR A 175 -8.64 5.58 -13.03
CA THR A 175 -7.82 4.95 -12.01
C THR A 175 -7.50 5.93 -10.90
N ILE A 176 -7.08 5.43 -9.76
CA ILE A 176 -6.86 6.31 -8.62
C ILE A 176 -5.52 6.99 -8.73
N LYS A 177 -5.47 8.23 -8.26
CA LYS A 177 -4.25 9.05 -8.35
C LYS A 177 -4.09 9.78 -7.03
N LEU A 178 -2.95 9.59 -6.42
CA LEU A 178 -2.58 10.20 -5.17
C LEU A 178 -1.79 11.44 -5.54
N CYS A 179 -2.08 12.57 -4.88
CA CYS A 179 -1.47 13.82 -5.28
C CYS A 179 -0.88 14.73 -4.19
N ASP A 180 -1.29 14.53 -2.92
CA ASP A 180 -1.05 15.53 -1.85
CA ASP A 180 -1.02 15.56 -1.87
C ASP A 180 0.22 15.21 -1.03
N PHE A 181 1.42 15.64 -1.46
CA PHE A 181 2.63 15.26 -0.72
C PHE A 181 3.17 16.31 0.18
N GLY A 182 2.32 17.27 0.50
CA GLY A 182 2.67 18.43 1.33
C GLY A 182 2.82 18.11 2.80
N SER A 183 2.31 16.96 3.24
CA SER A 183 2.47 16.54 4.65
C SER A 183 3.52 15.49 4.83
N ALA A 184 4.10 15.02 3.73
CA ALA A 184 4.95 13.84 3.71
C ALA A 184 6.31 14.09 4.30
N THR A 185 6.97 13.03 4.75
CA THR A 185 8.27 13.22 5.34
C THR A 185 9.06 11.96 5.25
N THR A 186 10.37 12.07 5.50
CA THR A 186 11.23 10.92 5.58
C THR A 186 12.59 11.33 6.15
N ILE A 187 13.62 10.49 6.00
CA ILE A 187 14.97 10.80 6.51
C ILE A 187 15.81 11.45 5.41
N SER A 188 16.41 12.60 5.72
CA SER A 188 17.36 13.28 4.83
C SER A 188 18.78 12.85 5.13
N HIS A 189 19.59 13.06 4.08
CA HIS A 189 20.99 12.64 4.01
C HIS A 189 21.18 11.24 4.50
N TYR A 190 20.32 10.37 4.00
CA TYR A 190 20.35 8.92 4.26
C TYR A 190 21.57 8.33 3.57
N PRO A 191 22.39 7.52 4.28
CA PRO A 191 23.62 6.98 3.67
C PRO A 191 23.30 6.13 2.46
N ASP A 192 24.09 6.28 1.39
CA ASP A 192 23.82 5.60 0.13
C ASP A 192 25.01 4.71 -0.19
N LEU A 223 27.04 -0.70 9.37
CA LEU A 223 25.83 0.08 9.14
C LEU A 223 24.66 -0.82 8.71
N TYR A 224 23.51 -0.67 9.36
CA TYR A 224 22.32 -1.46 9.01
C TYR A 224 21.06 -0.91 9.69
N SER A 225 19.90 -1.00 9.02
CA SER A 225 18.64 -0.50 9.60
C SER A 225 17.35 -0.90 8.86
N ASN A 226 16.47 -1.61 9.58
CA ASN A 226 15.12 -1.92 9.12
C ASN A 226 14.12 -1.57 10.25
N PHE A 227 14.01 -0.28 10.52
CA PHE A 227 13.13 0.20 11.57
C PHE A 227 11.92 0.88 10.96
N PRO A 228 10.75 0.73 11.61
CA PRO A 228 9.59 1.50 11.17
C PRO A 228 9.79 2.97 11.57
N ILE A 229 9.44 3.85 10.65
CA ILE A 229 9.67 5.27 10.84
C ILE A 229 8.43 6.05 10.56
N GLY A 230 7.28 5.37 10.53
CA GLY A 230 6.04 6.07 10.22
C GLY A 230 5.10 5.36 9.32
N GLU A 231 5.59 4.39 8.53
CA GLU A 231 4.73 3.62 7.63
C GLU A 231 3.42 3.19 8.28
N LYS A 232 3.51 2.70 9.52
CA LYS A 232 2.35 2.09 10.14
C LYS A 232 1.21 3.12 10.40
N GLN A 233 1.52 4.40 10.55
CA GLN A 233 0.44 5.40 10.71
C GLN A 233 -0.30 5.58 9.37
N ASP A 234 0.46 5.47 8.29
CA ASP A 234 -0.14 5.47 6.94
C ASP A 234 -1.09 4.26 6.79
N ILE A 235 -0.75 3.12 7.39
CA ILE A 235 -1.54 1.89 7.18
C ILE A 235 -2.85 2.08 7.93
N TRP A 236 -2.77 2.59 9.15
CA TRP A 236 -3.97 2.92 9.91
C TRP A 236 -4.89 3.79 9.09
N ALA A 237 -4.34 4.83 8.50
CA ALA A 237 -5.13 5.71 7.62
C ALA A 237 -5.78 4.96 6.50
N LEU A 238 -5.06 3.99 5.90
CA LEU A 238 -5.61 3.21 4.81
C LEU A 238 -6.74 2.30 5.31
N GLY A 239 -6.57 1.75 6.50
CA GLY A 239 -7.62 0.97 7.12
C GLY A 239 -8.96 1.72 7.23
N CYS A 240 -8.89 2.98 7.62
CA CYS A 240 -10.08 3.89 7.71
C CYS A 240 -10.74 4.10 6.35
N ILE A 241 -9.92 4.10 5.30
CA ILE A 241 -10.36 4.40 3.95
C ILE A 241 -11.13 3.16 3.54
N LEU A 242 -10.52 1.99 3.74
CA LEU A 242 -11.21 0.73 3.39
C LEU A 242 -12.52 0.61 4.09
N TYR A 243 -12.54 0.81 5.39
CA TYR A 243 -13.77 0.81 6.15
C TYR A 243 -14.80 1.76 5.49
N LEU A 244 -14.40 3.02 5.37
CA LEU A 244 -15.22 4.03 4.70
C LEU A 244 -15.82 3.62 3.35
N LEU A 245 -15.03 3.01 2.48
CA LEU A 245 -15.50 2.62 1.14
C LEU A 245 -16.60 1.55 1.23
N CYS A 246 -16.42 0.61 2.15
CA CYS A 246 -17.41 -0.46 2.37
C CYS A 246 -18.65 0.03 3.05
N PHE A 247 -18.50 0.77 4.15
CA PHE A 247 -19.61 1.06 5.06
C PHE A 247 -20.02 2.50 5.10
N ARG A 248 -19.40 3.33 4.24
CA ARG A 248 -19.80 4.71 3.99
C ARG A 248 -19.91 5.55 5.25
N GLN A 249 -19.08 5.23 6.25
CA GLN A 249 -18.80 6.13 7.37
C GLN A 249 -17.41 5.86 7.90
N HIS A 250 -16.91 6.77 8.74
CA HIS A 250 -15.54 6.68 9.23
C HIS A 250 -15.60 5.85 10.45
N PRO A 251 -14.63 4.95 10.61
CA PRO A 251 -14.71 4.06 11.79
C PRO A 251 -14.58 4.74 13.16
N PHE A 252 -14.03 5.96 13.21
CA PHE A 252 -13.79 6.69 14.47
C PHE A 252 -14.40 8.10 14.49
N GLU A 253 -14.83 8.56 15.67
CA GLU A 253 -15.47 9.91 15.87
C GLU A 253 -16.67 10.16 14.95
N LYS A 264 -11.70 2.75 19.13
CA LYS A 264 -12.71 1.70 19.06
C LYS A 264 -13.61 1.93 17.83
N TYR A 265 -13.81 0.87 17.04
CA TYR A 265 -14.66 0.92 15.84
C TYR A 265 -15.47 -0.37 15.72
N SER A 266 -16.30 -0.46 14.68
CA SER A 266 -17.18 -1.61 14.57
C SER A 266 -17.61 -1.94 13.13
N ILE A 267 -17.09 -3.05 12.64
CA ILE A 267 -17.56 -3.64 11.38
C ILE A 267 -18.98 -4.16 11.64
N PRO A 268 -19.98 -3.75 10.82
CA PRO A 268 -21.35 -4.22 11.00
C PRO A 268 -21.43 -5.76 11.18
N PRO A 269 -22.10 -6.23 12.23
CA PRO A 269 -22.03 -7.62 12.64
C PRO A 269 -22.63 -8.66 11.69
N HIS A 270 -23.53 -8.24 10.80
CA HIS A 270 -24.19 -9.15 9.87
C HIS A 270 -23.86 -8.90 8.41
N ASP A 271 -22.85 -8.07 8.15
CA ASP A 271 -22.46 -7.77 6.80
C ASP A 271 -22.04 -9.02 6.00
N THR A 272 -22.78 -9.29 4.94
CA THR A 272 -22.51 -10.40 4.05
C THR A 272 -21.96 -9.97 2.75
N GLN A 273 -21.95 -8.66 2.47
CA GLN A 273 -21.34 -8.18 1.22
C GLN A 273 -19.82 -7.93 1.30
N TYR A 274 -19.34 -7.23 2.31
CA TYR A 274 -17.90 -6.88 2.32
C TYR A 274 -17.09 -7.79 3.24
N THR A 275 -17.66 -8.94 3.60
CA THR A 275 -17.01 -9.87 4.53
C THR A 275 -15.60 -10.18 4.10
N VAL A 276 -15.36 -10.27 2.80
CA VAL A 276 -14.05 -10.62 2.30
C VAL A 276 -13.01 -9.58 2.78
N PHE A 277 -13.41 -8.34 3.04
CA PHE A 277 -12.46 -7.30 3.51
C PHE A 277 -12.30 -7.21 5.01
N HIS A 278 -13.18 -7.82 5.79
CA HIS A 278 -13.19 -7.62 7.23
C HIS A 278 -11.88 -7.85 7.93
N SER A 279 -11.18 -8.96 7.60
CA SER A 279 -9.96 -9.32 8.36
C SER A 279 -8.78 -8.37 7.99
N LEU A 280 -8.77 -7.89 6.74
CA LEU A 280 -7.82 -6.87 6.29
C LEU A 280 -8.08 -5.54 7.05
N ILE A 281 -9.34 -5.13 7.12
CA ILE A 281 -9.68 -3.98 7.97
C ILE A 281 -9.12 -4.14 9.38
N ARG A 282 -9.48 -5.18 10.08
CA ARG A 282 -9.00 -5.31 11.46
C ARG A 282 -7.49 -5.31 11.55
N ALA A 283 -6.86 -5.93 10.56
CA ALA A 283 -5.45 -6.06 10.55
C ALA A 283 -4.78 -4.68 10.38
N MET A 284 -5.40 -3.75 9.65
CA MET A 284 -4.84 -2.44 9.40
C MET A 284 -5.14 -1.50 10.54
N LEU A 285 -6.17 -1.83 11.30
CA LEU A 285 -6.56 -1.01 12.43
C LEU A 285 -6.11 -1.62 13.76
N GLN A 286 -5.06 -2.42 13.78
CA GLN A 286 -4.45 -2.83 15.06
C GLN A 286 -3.96 -1.59 15.76
N VAL A 287 -4.30 -1.46 17.02
CA VAL A 287 -3.86 -0.34 17.80
C VAL A 287 -2.35 -0.40 17.98
N ASN A 288 -1.80 -1.62 18.12
CA ASN A 288 -0.36 -1.81 18.28
C ASN A 288 0.25 -1.81 16.90
N PRO A 289 1.16 -0.88 16.65
CA PRO A 289 1.68 -0.70 15.29
C PRO A 289 2.63 -1.83 14.80
N GLU A 290 3.28 -2.53 15.70
CA GLU A 290 4.06 -3.72 15.34
C GLU A 290 3.11 -4.83 14.87
N GLU A 291 1.91 -4.90 15.46
CA GLU A 291 0.91 -5.88 15.05
C GLU A 291 0.27 -5.47 13.72
N ARG A 292 0.21 -4.18 13.45
CA ARG A 292 -0.43 -3.67 12.26
C ARG A 292 0.36 -4.11 11.02
N LEU A 293 -0.34 -4.42 9.93
CA LEU A 293 0.29 -4.85 8.66
C LEU A 293 1.16 -3.75 8.03
N SER A 294 2.15 -4.17 7.28
CA SER A 294 2.90 -3.32 6.36
C SER A 294 2.09 -3.14 5.11
N ILE A 295 2.49 -2.19 4.27
CA ILE A 295 1.86 -2.07 2.95
C ILE A 295 2.07 -3.35 2.10
N ALA A 296 3.20 -4.04 2.19
CA ALA A 296 3.41 -5.23 1.36
C ALA A 296 2.41 -6.32 1.85
N GLU A 297 2.15 -6.38 3.17
CA GLU A 297 1.22 -7.31 3.71
C GLU A 297 -0.21 -7.03 3.25
N VAL A 298 -0.58 -5.77 3.14
CA VAL A 298 -1.93 -5.34 2.62
C VAL A 298 -2.01 -5.61 1.09
N VAL A 299 -1.04 -5.11 0.35
CA VAL A 299 -1.06 -5.35 -1.14
C VAL A 299 -1.12 -6.81 -1.55
N HIS A 300 -0.37 -7.66 -0.83
CA HIS A 300 -0.31 -9.07 -1.08
C HIS A 300 -1.69 -9.65 -0.96
N GLN A 301 -2.44 -9.25 0.08
CA GLN A 301 -3.72 -9.86 0.33
C GLN A 301 -4.68 -9.38 -0.73
N LEU A 302 -4.54 -8.13 -1.09
CA LEU A 302 -5.39 -7.54 -2.14
C LEU A 302 -5.19 -8.20 -3.49
N GLN A 303 -3.96 -8.57 -3.83
CA GLN A 303 -3.71 -9.37 -5.03
C GLN A 303 -4.38 -10.74 -5.06
N GLU A 304 -4.34 -11.44 -3.92
CA GLU A 304 -5.02 -12.73 -3.82
C GLU A 304 -6.53 -12.61 -3.86
N ILE A 305 -7.08 -11.58 -3.23
CA ILE A 305 -8.53 -11.38 -3.29
C ILE A 305 -8.88 -11.15 -4.78
N ALA A 306 -8.08 -10.33 -5.46
CA ALA A 306 -8.31 -10.00 -6.88
C ALA A 306 -8.23 -11.27 -7.73
N ALA A 307 -7.18 -12.06 -7.56
CA ALA A 307 -7.01 -13.28 -8.37
C ALA A 307 -8.22 -14.20 -8.16
N ALA A 308 -8.74 -14.26 -6.92
CA ALA A 308 -9.88 -15.13 -6.63
C ALA A 308 -11.14 -14.62 -7.26
N ARG A 309 -11.30 -13.32 -7.42
CA ARG A 309 -12.55 -12.83 -8.01
C ARG A 309 -12.44 -12.58 -9.50
N ASN A 310 -11.38 -13.10 -10.11
CA ASN A 310 -11.10 -12.85 -11.54
C ASN A 310 -11.12 -11.36 -11.94
N VAL A 311 -10.57 -10.50 -11.09
CA VAL A 311 -10.56 -9.05 -11.31
C VAL A 311 -9.10 -8.58 -11.52
N ASN A 312 -8.87 -7.79 -12.57
CA ASN A 312 -7.59 -7.05 -12.70
C ASN A 312 -7.75 -5.75 -11.86
N PRO A 313 -7.05 -5.71 -10.72
CA PRO A 313 -7.38 -4.63 -9.78
C PRO A 313 -6.78 -3.28 -10.18
N LYS A 314 -5.91 -3.29 -11.19
CA LYS A 314 -5.35 -2.03 -11.67
C LYS A 314 -6.08 -1.43 -12.83
N SER A 315 -7.09 -2.18 -13.31
CA SER A 315 -7.89 -1.76 -14.46
CA SER A 315 -7.92 -1.77 -14.44
C SER A 315 -8.78 -0.54 -14.15
N PRO A 316 -9.36 0.07 -15.20
CA PRO A 316 -10.24 1.19 -14.92
C PRO A 316 -11.42 0.85 -14.03
N ILE A 317 -11.79 1.82 -13.22
CA ILE A 317 -12.92 1.68 -12.36
C ILE A 317 -14.11 2.26 -13.10
N THR A 318 -14.45 1.58 -14.21
CA THR A 318 -15.52 2.02 -15.12
C THR A 318 -16.90 2.23 -14.47
N GLU A 319 -17.16 1.59 -13.33
CA GLU A 319 -18.44 1.84 -12.64
C GLU A 319 -18.56 3.23 -11.98
N LEU A 320 -17.42 3.89 -11.67
CA LEU A 320 -17.42 5.30 -11.23
C LEU A 320 -17.61 6.27 -12.41
N LEU A 321 -17.46 5.76 -13.63
CA LEU A 321 -17.51 6.60 -14.82
C LEU A 321 -18.85 6.55 -15.56
N GLU A 322 -19.74 5.65 -15.16
CA GLU A 322 -21.06 5.53 -15.79
C GLU A 322 -21.90 6.77 -15.50
N GLN B 1 15.91 -15.49 23.73
CA GLN B 1 15.03 -15.57 22.52
C GLN B 1 13.75 -16.39 22.78
N VAL B 2 12.75 -16.24 21.91
CA VAL B 2 11.64 -17.18 21.85
C VAL B 2 12.25 -18.55 21.54
N GLN B 3 11.65 -19.62 22.09
CA GLN B 3 12.04 -20.99 21.79
C GLN B 3 11.02 -21.59 20.88
N LEU B 4 11.50 -22.24 19.83
CA LEU B 4 10.66 -22.85 18.81
C LEU B 4 10.81 -24.37 18.79
N GLN B 5 9.69 -25.10 18.85
CA GLN B 5 9.70 -26.57 18.81
C GLN B 5 8.92 -27.08 17.64
N GLU B 6 9.64 -27.82 16.78
CA GLU B 6 9.15 -28.35 15.52
C GLU B 6 8.82 -29.84 15.59
N SER B 7 7.78 -30.29 14.87
CA SER B 7 7.52 -31.73 14.67
C SER B 7 6.91 -31.94 13.31
N GLY B 8 6.70 -33.21 12.98
CA GLY B 8 6.13 -33.61 11.72
C GLY B 8 7.28 -33.80 10.72
N GLY B 9 6.96 -33.96 9.45
CA GLY B 9 7.98 -33.97 8.43
C GLY B 9 8.29 -35.41 8.03
N GLY B 10 9.50 -35.64 7.56
CA GLY B 10 9.89 -36.97 7.11
C GLY B 10 9.57 -37.22 5.64
N SER B 11 9.46 -38.51 5.31
CA SER B 11 9.44 -38.95 3.94
C SER B 11 8.03 -39.26 3.45
N VAL B 12 7.77 -38.97 2.19
CA VAL B 12 6.46 -39.19 1.63
C VAL B 12 6.53 -39.44 0.14
N GLN B 13 5.52 -40.12 -0.40
CA GLN B 13 5.37 -40.33 -1.82
C GLN B 13 4.96 -39.04 -2.53
N ALA B 14 5.41 -38.89 -3.78
CA ALA B 14 4.93 -37.87 -4.70
C ALA B 14 3.42 -37.86 -4.62
N GLY B 15 2.83 -36.69 -4.48
CA GLY B 15 1.39 -36.60 -4.46
C GLY B 15 0.83 -36.70 -3.05
N GLY B 16 1.68 -37.09 -2.09
CA GLY B 16 1.29 -37.31 -0.67
C GLY B 16 1.28 -36.06 0.16
N SER B 17 1.00 -36.20 1.45
CA SER B 17 0.86 -35.11 2.37
C SER B 17 1.61 -35.35 3.66
N LEU B 18 2.20 -34.27 4.20
CA LEU B 18 2.78 -34.29 5.52
C LEU B 18 2.29 -33.03 6.25
N ARG B 19 2.36 -33.01 7.56
CA ARG B 19 2.04 -31.82 8.33
C ARG B 19 3.16 -31.51 9.28
N LEU B 20 3.58 -30.23 9.34
CA LEU B 20 4.53 -29.80 10.33
C LEU B 20 3.75 -29.01 11.37
N SER B 21 4.32 -28.96 12.57
CA SER B 21 3.83 -28.07 13.59
C SER B 21 5.02 -27.38 14.29
N CYS B 22 4.76 -26.24 14.89
CA CYS B 22 5.80 -25.45 15.53
C CYS B 22 5.16 -24.75 16.73
N GLY B 23 5.69 -25.03 17.91
CA GLY B 23 5.23 -24.39 19.14
C GLY B 23 6.23 -23.35 19.62
N ALA B 24 5.73 -22.20 20.05
CA ALA B 24 6.55 -21.05 20.49
C ALA B 24 6.43 -20.96 21.97
N SER B 25 7.53 -20.65 22.66
CA SER B 25 7.56 -20.49 24.11
C SER B 25 6.82 -19.26 24.67
N GLU B 26 6.52 -18.31 23.79
CA GLU B 26 5.66 -17.20 24.07
C GLU B 26 5.04 -16.71 22.79
N TYR B 27 4.13 -15.76 22.98
CA TYR B 27 3.39 -15.20 21.92
C TYR B 27 4.29 -14.45 20.91
N THR B 28 4.04 -14.63 19.64
CA THR B 28 4.56 -13.66 18.65
C THR B 28 3.55 -13.45 17.56
N SER B 29 3.67 -12.32 16.88
CA SER B 29 2.60 -11.82 16.03
C SER B 29 2.54 -12.58 14.72
N ARG B 30 3.69 -13.15 14.29
CA ARG B 30 3.73 -13.81 13.03
C ARG B 30 4.69 -14.99 13.03
N MET B 31 4.20 -16.10 12.52
CA MET B 31 4.97 -17.30 12.49
C MET B 31 4.84 -17.90 11.14
N GLY B 32 5.91 -18.48 10.63
CA GLY B 32 5.90 -19.03 9.33
C GLY B 32 6.95 -20.12 9.19
N TRP B 33 7.09 -20.62 7.96
CA TRP B 33 8.15 -21.59 7.58
C TRP B 33 8.89 -21.09 6.41
N PHE B 34 10.20 -21.27 6.43
CA PHE B 34 11.01 -21.13 5.22
C PHE B 34 11.69 -22.46 4.99
N ARG B 35 12.24 -22.65 3.81
CA ARG B 35 12.90 -23.92 3.51
C ARG B 35 14.16 -23.65 2.76
N GLN B 36 15.08 -24.62 2.77
CA GLN B 36 16.24 -24.54 1.95
C GLN B 36 16.50 -25.88 1.31
N ALA B 37 16.28 -25.95 -0.01
CA ALA B 37 16.64 -27.09 -0.83
C ALA B 37 18.16 -27.08 -1.09
N PRO B 38 18.74 -28.24 -1.50
CA PRO B 38 20.15 -28.28 -1.87
C PRO B 38 20.55 -27.22 -2.91
N GLY B 39 21.64 -26.51 -2.61
CA GLY B 39 22.12 -25.42 -3.45
C GLY B 39 21.22 -24.22 -3.72
N ALA B 40 20.01 -24.23 -3.17
CA ALA B 40 19.03 -23.15 -3.37
C ALA B 40 19.17 -22.09 -2.30
N GLU B 41 18.52 -20.95 -2.54
CA GLU B 41 18.39 -19.90 -1.54
C GLU B 41 17.34 -20.32 -0.57
N ARG B 42 17.44 -19.83 0.67
CA ARG B 42 16.32 -19.88 1.65
C ARG B 42 15.06 -19.36 0.96
N GLU B 43 13.97 -20.10 1.08
CA GLU B 43 12.71 -19.72 0.47
C GLU B 43 11.54 -19.69 1.49
N GLY B 44 11.06 -18.48 1.74
CA GLY B 44 9.87 -18.33 2.55
C GLY B 44 8.75 -19.10 1.90
N VAL B 45 8.07 -19.93 2.67
CA VAL B 45 7.05 -20.83 2.12
C VAL B 45 5.63 -20.37 2.52
N ALA B 46 5.44 -20.07 3.81
CA ALA B 46 4.13 -19.72 4.32
C ALA B 46 4.30 -18.99 5.60
N CYS B 47 3.34 -18.15 5.93
CA CYS B 47 3.39 -17.33 7.12
C CYS B 47 1.97 -16.94 7.52
N ILE B 48 1.72 -16.83 8.82
CA ILE B 48 0.39 -16.43 9.30
C ILE B 48 0.50 -15.27 10.26
N HIS B 49 -0.43 -14.32 10.10
CA HIS B 49 -0.54 -13.16 10.95
C HIS B 49 -1.53 -13.52 12.05
N ARG B 50 -1.04 -13.74 13.26
CA ARG B 50 -1.87 -14.29 14.28
C ARG B 50 -3.17 -13.51 14.62
N GLN B 51 -3.16 -12.19 14.77
CA GLN B 51 -4.38 -11.51 15.30
C GLN B 51 -5.47 -11.52 14.28
N SER B 52 -5.13 -11.63 12.99
CA SER B 52 -6.13 -11.50 11.96
C SER B 52 -6.42 -12.82 11.30
N ASN B 53 -5.53 -13.80 11.50
CA ASN B 53 -5.56 -15.03 10.75
C ASN B 53 -5.21 -14.94 9.23
N LEU B 54 -4.64 -13.81 8.77
CA LEU B 54 -4.31 -13.69 7.38
C LEU B 54 -3.14 -14.57 7.09
N SER B 55 -3.16 -15.23 5.93
CA SER B 55 -2.10 -16.16 5.56
C SER B 55 -1.49 -15.85 4.20
N TYR B 56 -0.19 -16.12 4.13
CA TYR B 56 0.65 -15.67 3.07
C TYR B 56 1.46 -16.85 2.61
N TYR B 57 1.53 -17.05 1.30
CA TYR B 57 2.27 -18.16 0.68
C TYR B 57 3.10 -17.74 -0.48
N SER B 58 4.19 -18.48 -0.67
CA SER B 58 5.00 -18.44 -1.87
CA SER B 58 4.98 -18.38 -1.89
C SER B 58 4.16 -18.92 -3.03
N ASP B 59 4.42 -18.40 -4.23
CA ASP B 59 3.76 -18.91 -5.43
C ASP B 59 4.03 -20.40 -5.66
N SER B 60 5.14 -20.91 -5.15
CA SER B 60 5.55 -22.29 -5.41
C SER B 60 4.66 -23.27 -4.66
N VAL B 61 4.09 -22.87 -3.53
CA VAL B 61 3.25 -23.79 -2.77
C VAL B 61 1.79 -23.35 -2.72
N ARG B 62 1.47 -22.21 -3.33
CA ARG B 62 0.11 -21.67 -3.26
CA ARG B 62 0.11 -21.68 -3.22
C ARG B 62 -0.89 -22.72 -3.77
N GLY B 63 -2.02 -22.87 -3.09
CA GLY B 63 -2.99 -23.91 -3.46
C GLY B 63 -2.73 -25.32 -2.92
N ARG B 64 -1.55 -25.61 -2.37
CA ARG B 64 -1.17 -26.95 -1.99
C ARG B 64 -0.86 -26.98 -0.50
N PHE B 65 -0.26 -25.91 0.04
CA PHE B 65 -0.02 -25.81 1.47
C PHE B 65 -1.06 -24.97 2.14
N THR B 66 -1.24 -25.19 3.45
CA THR B 66 -2.18 -24.43 4.29
C THR B 66 -1.52 -24.25 5.64
N ILE B 67 -1.26 -23.00 6.01
CA ILE B 67 -0.81 -22.67 7.33
C ILE B 67 -2.06 -22.32 8.18
N SER B 68 -2.01 -22.68 9.45
CA SER B 68 -3.07 -22.37 10.40
C SER B 68 -2.47 -22.27 11.80
N GLN B 69 -3.26 -21.86 12.77
CA GLN B 69 -2.79 -21.82 14.16
C GLN B 69 -3.79 -22.38 15.12
N ASP B 70 -3.38 -22.57 16.37
CA ASP B 70 -4.34 -22.87 17.42
C ASP B 70 -5.07 -21.62 17.95
N ASN B 71 -6.20 -21.82 18.57
CA ASN B 71 -6.84 -20.76 19.36
C ASN B 71 -5.94 -20.03 20.40
N ALA B 72 -4.98 -20.71 21.06
CA ALA B 72 -4.17 -20.05 22.07
C ALA B 72 -2.99 -19.26 21.44
N LYS B 73 -2.87 -19.33 20.10
CA LYS B 73 -1.91 -18.54 19.37
C LYS B 73 -0.47 -18.84 19.81
N THR B 74 -0.25 -20.10 20.17
CA THR B 74 1.05 -20.60 20.66
C THR B 74 1.74 -21.46 19.57
N THR B 75 0.95 -22.01 18.66
CA THR B 75 1.41 -23.03 17.72
C THR B 75 0.91 -22.60 16.34
N ALA B 76 1.71 -22.93 15.32
CA ALA B 76 1.27 -22.92 13.90
C ALA B 76 1.38 -24.34 13.37
N PHE B 77 0.63 -24.59 12.31
CA PHE B 77 0.60 -25.85 11.64
C PHE B 77 0.80 -25.60 10.12
N LEU B 78 1.52 -26.49 9.47
CA LEU B 78 1.68 -26.45 8.02
C LEU B 78 1.27 -27.79 7.40
N LEU B 79 0.10 -27.79 6.72
CA LEU B 79 -0.34 -28.97 5.94
C LEU B 79 0.25 -28.85 4.55
N MET B 80 0.99 -29.86 4.11
CA MET B 80 1.66 -29.84 2.83
C MET B 80 1.09 -30.98 2.01
N SER B 81 0.19 -30.67 1.06
CA SER B 81 -0.45 -31.67 0.23
CA SER B 81 -0.42 -31.69 0.24
C SER B 81 0.12 -31.63 -1.20
N SER B 82 -0.29 -32.59 -2.02
CA SER B 82 0.22 -32.77 -3.39
C SER B 82 1.74 -32.51 -3.51
N LEU B 83 2.50 -33.10 -2.60
CA LEU B 83 3.93 -32.87 -2.56
C LEU B 83 4.64 -33.40 -3.82
N LYS B 84 5.75 -32.74 -4.11
CA LYS B 84 6.51 -32.96 -5.31
C LYS B 84 8.00 -33.05 -4.96
N PRO B 85 8.80 -33.76 -5.81
CA PRO B 85 10.27 -33.79 -5.65
C PRO B 85 10.90 -32.42 -5.34
N GLU B 86 10.42 -31.41 -6.05
CA GLU B 86 10.82 -30.04 -5.86
C GLU B 86 10.57 -29.55 -4.41
N ASP B 87 9.75 -30.24 -3.61
CA ASP B 87 9.50 -29.75 -2.25
C ASP B 87 10.51 -30.30 -1.21
N THR B 88 11.42 -31.19 -1.65
CA THR B 88 12.42 -31.80 -0.76
C THR B 88 13.27 -30.69 -0.22
N ALA B 89 13.38 -30.51 1.07
CA ALA B 89 14.21 -29.44 1.61
C ALA B 89 14.25 -29.63 3.11
N ILE B 90 15.13 -28.93 3.79
CA ILE B 90 14.95 -28.76 5.22
C ILE B 90 13.96 -27.58 5.43
N TYR B 91 12.92 -27.78 6.21
CA TYR B 91 11.94 -26.75 6.53
C TYR B 91 12.19 -26.24 7.96
N TYR B 92 12.20 -24.92 8.11
CA TYR B 92 12.56 -24.22 9.33
C TYR B 92 11.40 -23.30 9.76
N CYS B 93 10.87 -23.55 10.94
CA CYS B 93 9.90 -22.66 11.55
C CYS B 93 10.60 -21.34 11.91
N ALA B 94 9.86 -20.24 11.82
CA ALA B 94 10.46 -18.93 12.11
C ALA B 94 9.43 -17.91 12.61
N THR B 95 9.89 -16.95 13.38
CA THR B 95 9.10 -15.79 13.64
C THR B 95 9.63 -14.69 12.74
N THR B 96 8.76 -13.71 12.48
CA THR B 96 9.02 -12.61 11.54
C THR B 96 8.20 -11.39 11.94
N THR B 97 8.65 -10.23 11.48
CA THR B 97 7.96 -8.98 11.71
C THR B 97 7.04 -8.68 10.54
N ASP B 98 7.24 -9.36 9.42
CA ASP B 98 6.45 -9.04 8.19
C ASP B 98 6.27 -10.28 7.32
N CYS B 99 5.00 -10.73 7.17
CA CYS B 99 4.70 -11.97 6.47
C CYS B 99 4.97 -11.90 4.96
N ALA B 100 4.71 -10.75 4.34
CA ALA B 100 4.95 -10.59 2.89
C ALA B 100 6.44 -10.60 2.59
N ALA B 101 7.21 -9.86 3.37
CA ALA B 101 8.65 -9.83 3.22
C ALA B 101 9.21 -11.23 3.52
N PHE B 102 8.62 -11.86 4.50
CA PHE B 102 9.04 -13.20 4.87
C PHE B 102 8.86 -14.13 3.71
N VAL B 103 7.70 -14.09 3.09
CA VAL B 103 7.43 -14.97 1.95
C VAL B 103 8.29 -14.62 0.72
N GLU B 104 8.86 -13.45 0.70
CA GLU B 104 9.66 -13.01 -0.41
C GLU B 104 11.16 -13.07 -0.21
N ARG B 105 11.62 -12.98 1.02
CA ARG B 105 13.02 -12.88 1.33
C ARG B 105 13.47 -13.77 2.49
N ALA B 106 12.53 -14.49 3.11
CA ALA B 106 12.83 -15.31 4.30
C ALA B 106 13.49 -14.48 5.42
N THR B 107 13.09 -13.22 5.53
CA THR B 107 13.59 -12.37 6.59
C THR B 107 12.84 -12.71 7.90
N ALA B 108 13.60 -13.18 8.89
CA ALA B 108 13.13 -13.68 10.18
C ALA B 108 13.90 -13.18 11.40
N ILE B 109 13.19 -13.04 12.53
CA ILE B 109 13.78 -12.75 13.82
C ILE B 109 14.51 -14.00 14.39
N THR B 110 13.83 -15.13 14.44
CA THR B 110 14.43 -16.31 15.03
C THR B 110 13.88 -17.53 14.29
N ALA B 111 14.74 -18.53 14.12
CA ALA B 111 14.46 -19.70 13.31
C ALA B 111 14.73 -20.97 14.13
N GLY B 112 13.96 -22.04 13.90
CA GLY B 112 14.19 -23.29 14.64
C GLY B 112 15.34 -24.09 14.04
N GLN B 113 15.54 -25.30 14.57
CA GLN B 113 16.59 -26.24 14.11
C GLN B 113 16.43 -26.75 12.69
N GLY B 114 15.18 -26.86 12.26
CA GLY B 114 14.91 -27.48 10.96
C GLY B 114 14.46 -28.95 10.96
N THR B 115 13.47 -29.23 10.12
CA THR B 115 12.93 -30.60 9.95
CA THR B 115 12.94 -30.59 9.95
C THR B 115 13.13 -31.03 8.49
N GLN B 116 13.60 -32.23 8.30
CA GLN B 116 13.88 -32.72 6.93
C GLN B 116 12.57 -33.15 6.34
N VAL B 117 12.25 -32.68 5.14
CA VAL B 117 11.15 -33.22 4.36
C VAL B 117 11.75 -33.83 3.10
N THR B 118 11.47 -35.10 2.82
CA THR B 118 11.97 -35.71 1.58
C THR B 118 10.78 -36.29 0.83
N VAL B 119 10.62 -35.92 -0.45
CA VAL B 119 9.45 -36.36 -1.21
C VAL B 119 9.83 -37.36 -2.29
N SER B 120 9.16 -38.52 -2.20
CA SER B 120 9.37 -39.73 -2.98
C SER B 120 10.77 -40.36 -2.87
N SER B 121 11.52 -40.05 -1.82
CA SER B 121 12.78 -40.77 -1.53
C SER B 121 13.41 -40.32 -0.22
#